data_5ZHO
#
_entry.id   5ZHO
#
_cell.length_a   37.985
_cell.length_b   39.821
_cell.length_c   119.814
_cell.angle_alpha   90.000
_cell.angle_beta   90.000
_cell.angle_gamma   90.000
#
_symmetry.space_group_name_H-M   'P 21 21 21'
#
loop_
_entity.id
_entity.type
_entity.pdbx_description
1 polymer 'Outer capsid protein VP8*'
2 branched alpha-L-fucopyranose-(1-2)-[2-acetamido-2-deoxy-alpha-D-galactopyranose-(1-3)]alpha-D-galactopyranose
3 water water
#
_entity_poly.entity_id   1
_entity_poly.type   'polypeptide(L)'
_entity_poly.pdbx_seq_one_letter_code
;MEITGPHTNTVIEWSNLINTNTWLLYQKPLNSVRLLKHGPDTYNSNLAAFELWYGKSGTTITSVYYNTINNQNKTHDANS
DCLILFWNEGSTQLEKQVVTFNWNVGGILIKPINSSRMRICMSGMENFNNDSFNWENWNHEFPRSNPGININMYTEYFLA
SS
;
_entity_poly.pdbx_strand_id   A
#
loop_
_chem_comp.id
_chem_comp.type
_chem_comp.name
_chem_comp.formula
A2G D-saccharide, alpha linking 2-acetamido-2-deoxy-alpha-D-galactopyranose 'C8 H15 N O6'
FUC L-saccharide, alpha linking alpha-L-fucopyranose 'C6 H12 O5'
GLA D-saccharide, alpha linking alpha-D-galactopyranose 'C6 H12 O6'
#
# COMPACT_ATOMS: atom_id res chain seq x y z
N MET A 1 6.45 -14.08 -16.50
CA MET A 1 5.85 -12.87 -15.87
C MET A 1 5.25 -11.98 -16.95
N GLU A 2 3.96 -11.72 -16.84
CA GLU A 2 3.24 -10.80 -17.71
C GLU A 2 3.12 -9.46 -16.99
N ILE A 3 3.59 -8.40 -17.64
CA ILE A 3 3.60 -7.04 -17.08
C ILE A 3 2.84 -6.14 -18.03
N THR A 4 1.74 -5.57 -17.55
CA THR A 4 0.88 -4.74 -18.38
C THR A 4 0.70 -3.37 -17.75
N GLY A 5 0.59 -2.35 -18.61
CA GLY A 5 0.29 -1.01 -18.17
C GLY A 5 0.82 0.02 -19.15
N PRO A 6 0.55 1.30 -18.88
CA PRO A 6 -0.16 1.76 -17.68
C PRO A 6 -1.66 1.60 -17.77
N HIS A 7 -2.23 0.95 -16.76
CA HIS A 7 -3.66 0.85 -16.60
C HIS A 7 -4.19 2.16 -16.00
N THR A 8 -5.38 2.55 -16.45
CA THR A 8 -6.02 3.79 -16.00
C THR A 8 -7.38 3.54 -15.35
N ASN A 9 -7.77 2.27 -15.17
CA ASN A 9 -9.03 1.94 -14.52
C ASN A 9 -8.99 2.43 -13.08
N THR A 10 -10.14 2.90 -12.58
CA THR A 10 -10.19 3.45 -11.24
C THR A 10 -10.52 2.40 -10.17
N VAL A 11 -10.82 1.17 -10.55
CA VAL A 11 -11.15 0.11 -9.61
C VAL A 11 -10.49 -1.18 -10.07
N ILE A 12 -9.82 -1.87 -9.15
CA ILE A 12 -9.48 -3.27 -9.32
C ILE A 12 -10.48 -4.06 -8.48
N GLU A 13 -11.16 -5.01 -9.12
CA GLU A 13 -12.09 -5.86 -8.40
C GLU A 13 -11.36 -6.87 -7.54
N TRP A 14 -11.80 -7.00 -6.29
CA TRP A 14 -11.23 -7.99 -5.38
C TRP A 14 -11.21 -9.38 -6.03
N SER A 15 -12.26 -9.73 -6.77
CA SER A 15 -12.34 -11.06 -7.38
C SER A 15 -11.22 -11.33 -8.37
N ASN A 16 -10.60 -10.29 -8.93
CA ASN A 16 -9.49 -10.47 -9.83
C ASN A 16 -8.16 -10.62 -9.13
N LEU A 17 -8.15 -10.59 -7.79
CA LEU A 17 -6.94 -10.79 -7.01
C LEU A 17 -6.87 -12.14 -6.32
N ILE A 18 -7.94 -12.94 -6.36
CA ILE A 18 -8.03 -14.12 -5.51
C ILE A 18 -7.37 -15.34 -6.11
N ASN A 19 -6.96 -15.28 -7.37
CA ASN A 19 -6.50 -16.47 -8.09
C ASN A 19 -4.99 -16.63 -8.10
N THR A 20 -4.25 -15.53 -8.14
CA THR A 20 -2.80 -15.60 -8.28
C THR A 20 -2.17 -14.41 -7.58
N ASN A 21 -0.86 -14.49 -7.36
CA ASN A 21 -0.11 -13.37 -6.80
C ASN A 21 -0.06 -12.24 -7.82
N THR A 22 -0.26 -11.02 -7.35
CA THR A 22 -0.31 -9.85 -8.23
C THR A 22 0.59 -8.75 -7.69
N TRP A 23 1.48 -8.24 -8.52
CA TRP A 23 2.22 -7.03 -8.21
C TRP A 23 1.47 -5.83 -8.76
N LEU A 24 1.29 -4.81 -7.92
CA LEU A 24 0.82 -3.50 -8.33
C LEU A 24 2.03 -2.58 -8.28
N LEU A 25 2.42 -2.06 -9.45
CA LEU A 25 3.70 -1.40 -9.66
C LEU A 25 3.51 0.00 -10.21
N TYR A 26 4.44 0.87 -9.85
CA TYR A 26 4.36 2.29 -10.16
C TYR A 26 5.73 2.78 -10.61
N GLN A 27 5.75 3.49 -11.73
CA GLN A 27 6.91 4.32 -12.00
C GLN A 27 7.06 5.37 -10.91
N LYS A 28 8.30 5.69 -10.57
CA LYS A 28 8.54 6.60 -9.46
C LYS A 28 7.88 7.94 -9.73
N PRO A 29 6.94 8.39 -8.91
CA PRO A 29 6.30 9.69 -9.15
C PRO A 29 7.24 10.85 -8.87
N LEU A 30 6.84 12.03 -9.35
CA LEU A 30 7.61 13.24 -9.17
C LEU A 30 7.30 13.96 -7.85
N ASN A 31 6.19 13.62 -7.18
CA ASN A 31 5.87 14.18 -5.89
C ASN A 31 4.98 13.17 -5.16
N SER A 32 4.77 13.41 -3.88
CA SER A 32 3.92 12.54 -3.09
C SER A 32 2.54 12.47 -3.71
N VAL A 33 1.97 11.27 -3.70
CA VAL A 33 0.68 11.03 -4.34
C VAL A 33 0.05 9.76 -3.75
N ARG A 34 -1.27 9.81 -3.59
CA ARG A 34 -1.99 8.64 -3.12
C ARG A 34 -2.17 7.67 -4.28
N LEU A 35 -1.84 6.40 -4.04
CA LEU A 35 -1.85 5.38 -5.08
C LEU A 35 -3.13 4.56 -5.06
N LEU A 36 -3.53 4.03 -3.91
CA LEU A 36 -4.71 3.18 -3.88
C LEU A 36 -5.27 3.14 -2.47
N LYS A 37 -6.49 2.61 -2.36
CA LYS A 37 -7.15 2.44 -1.08
C LYS A 37 -8.09 1.26 -1.15
N HIS A 38 -8.11 0.47 -0.08
CA HIS A 38 -9.09 -0.58 0.12
C HIS A 38 -9.84 -0.25 1.41
N GLY A 39 -11.14 0.03 1.28
CA GLY A 39 -11.95 0.39 2.41
C GLY A 39 -13.17 1.17 1.97
N PRO A 40 -14.08 1.42 2.90
CA PRO A 40 -15.28 2.20 2.58
C PRO A 40 -14.92 3.64 2.23
N ASP A 41 -15.92 4.38 1.76
CA ASP A 41 -15.68 5.75 1.32
C ASP A 41 -15.24 6.63 2.48
N THR A 42 -15.81 6.40 3.66
CA THR A 42 -15.46 7.14 4.86
C THR A 42 -15.00 6.17 5.94
N TYR A 43 -14.08 6.64 6.78
CA TYR A 43 -13.49 5.81 7.82
C TYR A 43 -14.55 5.10 8.65
N ASN A 44 -14.34 3.80 8.85
CA ASN A 44 -15.19 2.97 9.70
C ASN A 44 -14.27 2.05 10.49
N SER A 45 -14.12 2.34 11.79
CA SER A 45 -13.21 1.60 12.64
C SER A 45 -13.59 0.14 12.79
N ASN A 46 -14.80 -0.25 12.42
CA ASN A 46 -15.19 -1.65 12.49
C ASN A 46 -14.58 -2.49 11.37
N LEU A 47 -14.08 -1.86 10.33
CA LEU A 47 -13.61 -2.56 9.14
C LEU A 47 -12.10 -2.45 9.01
N ALA A 48 -11.48 -3.50 8.49
CA ALA A 48 -10.10 -3.42 8.05
C ALA A 48 -9.98 -2.56 6.81
N ALA A 49 -8.84 -1.90 6.67
CA ALA A 49 -8.62 -1.01 5.53
C ALA A 49 -7.14 -0.76 5.36
N PHE A 50 -6.80 -0.24 4.17
CA PHE A 50 -5.43 0.21 3.94
C PHE A 50 -5.42 1.25 2.84
N GLU A 51 -4.43 2.14 2.91
CA GLU A 51 -4.28 3.22 1.93
C GLU A 51 -2.80 3.41 1.64
N LEU A 52 -2.43 3.30 0.36
CA LEU A 52 -1.04 3.31 -0.08
C LEU A 52 -0.73 4.63 -0.79
N TRP A 53 0.39 5.22 -0.39
CA TRP A 53 0.95 6.44 -0.95
C TRP A 53 2.39 6.24 -1.40
N TYR A 54 2.79 7.05 -2.37
CA TYR A 54 4.20 7.37 -2.57
C TYR A 54 4.49 8.67 -1.84
N GLY A 55 5.60 8.69 -1.12
CA GLY A 55 6.05 9.88 -0.43
C GLY A 55 7.41 10.34 -0.93
N LYS A 56 7.52 11.59 -1.34
CA LYS A 56 8.80 12.17 -1.72
C LYS A 56 9.55 12.63 -0.48
N SER A 57 10.85 12.36 -0.44
CA SER A 57 11.66 12.78 0.70
C SER A 57 11.50 14.26 0.96
N GLY A 58 11.35 14.62 2.23
CA GLY A 58 11.23 16.00 2.63
C GLY A 58 9.82 16.55 2.63
N THR A 59 8.82 15.72 2.37
CA THR A 59 7.44 16.14 2.34
C THR A 59 6.67 15.44 3.45
N THR A 60 5.47 15.95 3.72
CA THR A 60 4.56 15.38 4.70
C THR A 60 3.38 14.73 3.98
N ILE A 61 3.11 13.49 4.31
CA ILE A 61 2.04 12.70 3.71
C ILE A 61 0.98 12.48 4.77
N THR A 62 -0.26 12.87 4.47
CA THR A 62 -1.37 12.76 5.40
C THR A 62 -2.45 11.88 4.76
N SER A 63 -2.84 10.84 5.48
CA SER A 63 -3.86 9.93 4.96
C SER A 63 -5.15 10.69 4.66
N VAL A 64 -5.81 10.30 3.56
CA VAL A 64 -7.16 10.77 3.30
C VAL A 64 -8.19 9.90 4.03
N TYR A 65 -8.15 8.58 3.83
CA TYR A 65 -9.12 7.72 4.48
C TYR A 65 -9.11 7.90 6.00
N TYR A 66 -7.93 8.03 6.60
CA TYR A 66 -7.80 8.13 8.06
C TYR A 66 -7.77 9.58 8.57
N ASN A 67 -8.17 10.55 7.74
CA ASN A 67 -7.93 11.95 8.14
C ASN A 67 -8.64 12.32 9.44
N THR A 68 -9.74 11.66 9.78
CA THR A 68 -10.48 12.02 10.99
C THR A 68 -10.10 11.19 12.21
N ILE A 69 -9.20 10.22 12.08
CA ILE A 69 -8.86 9.35 13.21
C ILE A 69 -8.04 10.13 14.23
N ASN A 70 -8.16 9.77 15.50
CA ASN A 70 -7.38 10.39 16.57
C ASN A 70 -6.15 9.52 16.84
N ASN A 71 -5.14 9.66 15.98
CA ASN A 71 -3.95 8.82 16.06
C ASN A 71 -2.85 9.44 15.22
N GLN A 72 -1.68 9.65 15.83
CA GLN A 72 -0.57 10.31 15.13
C GLN A 72 -0.03 9.53 13.95
N ASN A 73 -0.39 8.25 13.81
CA ASN A 73 0.10 7.48 12.67
C ASN A 73 -0.59 7.85 11.37
N LYS A 74 -1.52 8.81 11.37
CA LYS A 74 -2.22 9.22 10.17
C LYS A 74 -1.42 10.20 9.31
N THR A 75 -0.23 10.61 9.75
CA THR A 75 0.66 11.41 8.93
C THR A 75 2.07 10.83 9.03
N HIS A 76 2.88 11.14 8.03
CA HIS A 76 4.27 10.71 7.99
C HIS A 76 5.11 11.80 7.35
N ASP A 77 6.20 12.18 8.01
CA ASP A 77 7.19 13.07 7.45
C ASP A 77 8.26 12.21 6.78
N ALA A 78 8.23 12.16 5.45
CA ALA A 78 9.12 11.27 4.73
C ALA A 78 10.56 11.76 4.79
N ASN A 79 11.47 10.87 5.18
CA ASN A 79 12.90 11.18 5.16
C ASN A 79 13.64 10.44 4.05
N SER A 80 12.91 9.73 3.20
CA SER A 80 13.42 9.14 1.98
C SER A 80 12.26 9.09 1.00
N ASP A 81 12.57 8.94 -0.28
CA ASP A 81 11.53 8.58 -1.23
C ASP A 81 11.05 7.19 -0.85
N CYS A 82 9.74 7.02 -0.71
CA CYS A 82 9.22 5.84 -0.03
C CYS A 82 7.80 5.50 -0.47
N LEU A 83 7.38 4.29 -0.11
CA LEU A 83 5.99 3.89 -0.10
C LEU A 83 5.52 3.87 1.34
N ILE A 84 4.28 4.32 1.57
CA ILE A 84 3.69 4.42 2.90
C ILE A 84 2.33 3.73 2.82
N LEU A 85 2.13 2.70 3.62
CA LEU A 85 0.83 2.05 3.76
C LEU A 85 0.27 2.39 5.12
N PHE A 86 -0.77 3.20 5.15
CA PHE A 86 -1.56 3.41 6.36
C PHE A 86 -2.54 2.25 6.44
N TRP A 87 -2.65 1.58 7.59
CA TRP A 87 -3.47 0.38 7.60
C TRP A 87 -4.05 0.12 8.99
N ASN A 88 -5.17 -0.60 8.98
CA ASN A 88 -5.78 -1.09 10.21
C ASN A 88 -6.42 -2.44 9.93
N GLU A 89 -6.36 -3.32 10.92
CA GLU A 89 -6.95 -4.65 10.83
C GLU A 89 -7.01 -5.23 12.23
N GLY A 90 -8.06 -6.01 12.50
CA GLY A 90 -8.18 -6.64 13.80
C GLY A 90 -8.17 -5.59 14.91
N SER A 91 -7.36 -5.81 15.94
N SER A 91 -7.34 -5.85 15.92
CA SER A 91 -7.29 -4.88 17.05
CA SER A 91 -7.17 -4.99 17.08
C SER A 91 -6.23 -3.80 16.86
C SER A 91 -6.34 -3.74 16.79
N THR A 92 -5.62 -3.70 15.67
CA THR A 92 -4.69 -2.62 15.38
C THR A 92 -5.45 -1.40 14.89
N GLN A 93 -5.43 -0.30 15.68
CA GLN A 93 -6.18 0.89 15.32
C GLN A 93 -5.62 1.55 14.06
N LEU A 94 -4.31 1.78 14.01
CA LEU A 94 -3.68 2.40 12.86
C LEU A 94 -2.17 2.28 12.96
N GLU A 95 -1.55 1.71 11.91
CA GLU A 95 -0.11 1.74 11.79
C GLU A 95 0.23 2.27 10.40
N LYS A 96 1.49 2.66 10.22
CA LYS A 96 2.01 3.06 8.94
C LYS A 96 3.26 2.23 8.65
N GLN A 97 3.24 1.50 7.54
CA GLN A 97 4.41 0.76 7.10
C GLN A 97 5.11 1.58 6.02
N VAL A 98 6.39 1.84 6.21
CA VAL A 98 7.17 2.66 5.30
C VAL A 98 8.32 1.81 4.77
N VAL A 99 8.49 1.81 3.45
CA VAL A 99 9.65 1.20 2.82
C VAL A 99 10.24 2.20 1.86
N THR A 100 11.56 2.19 1.74
CA THR A 100 12.23 3.09 0.83
C THR A 100 12.07 2.62 -0.62
N PHE A 101 11.90 3.59 -1.51
CA PHE A 101 11.67 3.37 -2.94
C PHE A 101 13.04 3.52 -3.60
N ASN A 102 13.72 2.39 -3.81
CA ASN A 102 15.14 2.41 -4.18
C ASN A 102 15.38 2.49 -5.67
N TRP A 103 14.36 2.27 -6.51
CA TRP A 103 14.59 2.17 -7.95
C TRP A 103 13.62 3.07 -8.70
N ASN A 104 13.50 2.89 -10.01
CA ASN A 104 12.60 3.69 -10.83
C ASN A 104 11.21 3.09 -10.93
N VAL A 105 11.00 1.94 -10.31
N VAL A 105 10.99 1.93 -10.31
CA VAL A 105 9.68 1.32 -10.18
CA VAL A 105 9.70 1.30 -10.18
C VAL A 105 9.60 0.72 -8.79
C VAL A 105 9.60 0.74 -8.78
N GLY A 106 8.39 0.75 -8.22
CA GLY A 106 8.16 0.18 -6.90
C GLY A 106 6.69 -0.12 -6.72
N GLY A 107 6.37 -0.86 -5.66
CA GLY A 107 4.96 -1.17 -5.44
C GLY A 107 4.78 -2.23 -4.37
N ILE A 108 3.66 -2.94 -4.48
CA ILE A 108 3.28 -3.94 -3.48
C ILE A 108 2.95 -5.26 -4.15
N LEU A 109 3.12 -6.34 -3.40
CA LEU A 109 2.75 -7.67 -3.84
C LEU A 109 1.56 -8.16 -3.02
N ILE A 110 0.52 -8.62 -3.71
CA ILE A 110 -0.70 -9.14 -3.10
C ILE A 110 -0.73 -10.63 -3.34
N LYS A 111 -0.73 -11.40 -2.25
CA LYS A 111 -0.81 -12.86 -2.30
C LYS A 111 -2.14 -13.32 -1.73
N PRO A 112 -3.00 -14.01 -2.48
CA PRO A 112 -4.29 -14.43 -1.91
C PRO A 112 -4.12 -15.59 -0.93
N ILE A 113 -4.65 -15.40 0.26
N ILE A 113 -4.64 -15.41 0.27
CA ILE A 113 -4.67 -16.46 1.28
CA ILE A 113 -4.66 -16.48 1.26
C ILE A 113 -5.93 -17.31 1.13
C ILE A 113 -5.93 -17.31 1.13
N ASN A 114 -7.04 -16.68 0.77
CA ASN A 114 -8.28 -17.35 0.39
C ASN A 114 -9.13 -16.30 -0.32
N SER A 115 -10.37 -16.63 -0.65
CA SER A 115 -11.18 -15.70 -1.42
C SER A 115 -11.49 -14.41 -0.68
N SER A 116 -11.27 -14.35 0.63
CA SER A 116 -11.60 -13.15 1.40
C SER A 116 -10.44 -12.64 2.24
N ARG A 117 -9.20 -13.05 1.93
N ARG A 117 -9.20 -13.01 1.90
CA ARG A 117 -8.05 -12.61 2.69
CA ARG A 117 -8.05 -12.62 2.70
C ARG A 117 -6.84 -12.50 1.77
C ARG A 117 -6.83 -12.51 1.80
N MET A 118 -6.07 -11.43 1.95
CA MET A 118 -4.90 -11.16 1.14
C MET A 118 -3.71 -10.82 2.03
N ARG A 119 -2.53 -11.28 1.65
CA ARG A 119 -1.29 -10.87 2.27
C ARG A 119 -0.68 -9.76 1.42
N ILE A 120 -0.49 -8.59 2.03
CA ILE A 120 0.13 -7.44 1.39
C ILE A 120 1.60 -7.45 1.79
N CYS A 121 2.48 -7.38 0.81
CA CYS A 121 3.92 -7.48 1.01
C CYS A 121 4.61 -6.24 0.44
N MET A 122 5.54 -5.69 1.23
CA MET A 122 6.28 -4.49 0.87
C MET A 122 7.73 -4.69 1.27
N SER A 123 8.66 -4.15 0.48
N SER A 123 8.65 -4.15 0.48
CA SER A 123 10.07 -4.32 0.79
CA SER A 123 10.07 -4.34 0.74
C SER A 123 10.86 -3.15 0.22
C SER A 123 10.86 -3.14 0.23
N GLY A 124 12.00 -2.90 0.85
CA GLY A 124 12.92 -1.88 0.37
C GLY A 124 14.12 -1.76 1.29
N MET A 125 15.19 -1.17 0.76
N MET A 125 15.20 -1.21 0.75
CA MET A 125 16.46 -1.01 1.46
CA MET A 125 16.43 -1.06 1.52
C MET A 125 16.50 0.37 2.12
C MET A 125 16.49 0.34 2.12
N GLU A 126 16.71 0.40 3.43
CA GLU A 126 16.68 1.63 4.19
C GLU A 126 17.94 1.78 5.03
N ASN A 127 18.21 3.02 5.42
N ASN A 127 18.16 3.02 5.47
CA ASN A 127 19.28 3.29 6.37
CA ASN A 127 19.28 3.38 6.32
C ASN A 127 18.70 3.84 7.65
C ASN A 127 18.77 3.99 7.62
N PHE A 128 19.51 3.74 8.70
CA PHE A 128 19.19 4.34 9.98
C PHE A 128 20.49 4.48 10.76
N ASN A 129 20.52 5.45 11.67
CA ASN A 129 21.74 5.81 12.40
C ASN A 129 22.86 6.21 11.45
N ASN A 130 22.51 6.64 10.24
CA ASN A 130 23.41 7.28 9.28
C ASN A 130 24.39 6.31 8.62
N ASP A 131 24.59 5.11 9.17
CA ASP A 131 25.36 4.12 8.44
C ASP A 131 24.94 2.67 8.70
N SER A 132 23.79 2.42 9.30
CA SER A 132 23.24 1.08 9.38
C SER A 132 22.23 0.89 8.27
N PHE A 133 22.17 -0.31 7.69
CA PHE A 133 21.28 -0.60 6.56
C PHE A 133 20.44 -1.83 6.84
N ASN A 134 19.22 -1.83 6.30
CA ASN A 134 18.27 -2.92 6.53
C ASN A 134 17.48 -3.16 5.27
N TRP A 135 17.35 -4.44 4.88
CA TRP A 135 16.36 -4.83 3.88
C TRP A 135 15.06 -5.10 4.61
N GLU A 136 14.15 -4.14 4.56
CA GLU A 136 12.85 -4.31 5.19
C GLU A 136 12.02 -5.19 4.28
N ASN A 137 11.48 -6.27 4.84
CA ASN A 137 10.64 -7.21 4.10
C ASN A 137 9.45 -7.50 5.00
N TRP A 138 8.33 -6.84 4.72
CA TRP A 138 7.18 -6.81 5.61
C TRP A 138 5.96 -7.38 4.91
N ASN A 139 5.09 -8.00 5.69
CA ASN A 139 3.79 -8.36 5.16
C ASN A 139 2.76 -8.31 6.27
N HIS A 140 1.50 -8.19 5.87
CA HIS A 140 0.40 -8.30 6.82
C HIS A 140 -0.78 -8.91 6.08
N GLU A 141 -1.54 -9.74 6.79
CA GLU A 141 -2.76 -10.34 6.26
C GLU A 141 -3.95 -9.43 6.55
N PHE A 142 -4.74 -9.18 5.52
CA PHE A 142 -5.96 -8.38 5.63
C PHE A 142 -7.15 -9.21 5.18
N PRO A 143 -8.21 -9.28 5.97
CA PRO A 143 -9.50 -9.72 5.43
C PRO A 143 -10.04 -8.62 4.54
N ARG A 144 -10.89 -9.02 3.59
CA ARG A 144 -11.60 -8.02 2.81
C ARG A 144 -12.36 -7.09 3.76
N SER A 145 -12.27 -5.79 3.48
CA SER A 145 -12.87 -4.78 4.36
C SER A 145 -14.31 -5.13 4.65
N ASN A 146 -15.07 -5.47 3.63
CA ASN A 146 -16.38 -6.08 3.76
C ASN A 146 -16.81 -6.56 2.38
N PRO A 147 -17.86 -7.36 2.29
CA PRO A 147 -18.32 -7.79 0.97
C PRO A 147 -18.56 -6.61 0.05
N GLY A 148 -18.17 -6.76 -1.20
CA GLY A 148 -18.40 -5.75 -2.22
C GLY A 148 -17.35 -4.68 -2.32
N ILE A 149 -16.45 -4.56 -1.35
CA ILE A 149 -15.45 -3.51 -1.35
C ILE A 149 -14.24 -3.96 -2.16
N ASN A 150 -13.92 -3.18 -3.17
CA ASN A 150 -12.85 -3.41 -4.14
C ASN A 150 -11.67 -2.50 -3.78
N ILE A 151 -10.72 -2.35 -4.71
N ILE A 151 -10.72 -2.33 -4.71
CA ILE A 151 -9.57 -1.47 -4.54
CA ILE A 151 -9.58 -1.46 -4.47
C ILE A 151 -9.79 -0.24 -5.41
C ILE A 151 -9.66 -0.25 -5.40
N ASN A 152 -9.71 0.94 -4.80
CA ASN A 152 -9.72 2.20 -5.55
C ASN A 152 -8.32 2.52 -6.02
N MET A 153 -8.18 2.82 -7.30
CA MET A 153 -6.90 3.17 -7.92
C MET A 153 -6.94 4.64 -8.32
N TYR A 154 -6.00 5.43 -7.80
CA TYR A 154 -6.01 6.88 -7.97
C TYR A 154 -4.96 7.39 -8.96
N THR A 155 -4.03 6.55 -9.38
N THR A 155 -4.01 6.55 -9.35
CA THR A 155 -3.08 6.92 -10.41
CA THR A 155 -3.01 6.91 -10.36
C THR A 155 -2.86 5.71 -11.29
C THR A 155 -2.76 5.70 -11.24
N GLU A 156 -2.23 5.95 -12.44
CA GLU A 156 -1.98 4.86 -13.36
C GLU A 156 -0.99 3.88 -12.73
N TYR A 157 -1.14 2.62 -13.12
CA TYR A 157 -0.41 1.54 -12.46
C TYR A 157 -0.10 0.46 -13.47
N PHE A 158 0.91 -0.34 -13.14
CA PHE A 158 1.25 -1.54 -13.88
C PHE A 158 0.87 -2.76 -13.04
N LEU A 159 0.50 -3.83 -13.73
CA LEU A 159 0.17 -5.10 -13.09
C LEU A 159 1.15 -6.16 -13.57
N ALA A 160 1.64 -6.98 -12.65
CA ALA A 160 2.47 -8.11 -13.02
C ALA A 160 1.94 -9.38 -12.35
N SER A 161 1.86 -10.45 -13.13
CA SER A 161 1.46 -11.74 -12.57
C SER A 161 1.90 -12.84 -13.51
N SER A 162 1.80 -14.07 -13.05
CA SER A 162 2.19 -15.23 -13.84
C SER A 162 1.03 -15.76 -14.69
C1 GLA B . -17.47 -7.90 13.92
C2 GLA B . -16.72 -7.26 12.77
C3 GLA B . -15.49 -8.08 12.38
C4 GLA B . -14.66 -8.45 13.61
C5 GLA B . -15.53 -8.96 14.77
C6 GLA B . -14.73 -9.09 16.06
O1 GLA B . -17.94 -9.18 13.51
O2 GLA B . -17.61 -7.18 11.65
O3 GLA B . -14.73 -7.27 11.46
O4 GLA B . -13.90 -7.32 14.05
O5 GLA B . -16.59 -8.04 15.02
O6 GLA B . -13.86 -10.22 15.98
H1 GLA B . -18.23 -7.33 14.17
H2 GLA B . -16.41 -6.38 13.07
H3 GLA B . -15.79 -8.89 11.94
H4 GLA B . -14.04 -9.16 13.36
H5 GLA B . -15.90 -9.82 14.53
H61 GLA B . -15.33 -9.20 16.80
H62 GLA B . -14.19 -8.29 16.20
HO1 GLA B . -18.76 -9.27 13.73
HO2 GLA B . -17.99 -7.95 11.57
HO3 GLA B . -15.00 -6.45 11.57
HO4 GLA B . -13.09 -7.42 13.85
HO6 GLA B . -13.80 -10.58 16.75
C1 FUC B . -17.55 -5.87 11.04
C2 FUC B . -18.28 -5.96 9.72
C3 FUC B . -19.78 -6.14 9.93
C4 FUC B . -20.30 -5.02 10.81
C5 FUC B . -19.53 -5.00 12.13
C6 FUC B . -19.98 -3.85 13.02
O2 FUC B . -17.78 -7.06 8.96
O3 FUC B . -20.43 -6.11 8.66
O4 FUC B . -20.14 -3.76 10.14
O5 FUC B . -18.12 -4.85 11.88
H1 FUC B . -16.53 -5.47 10.85
H2 FUC B . -18.12 -5.05 9.14
H3 FUC B . -19.95 -7.10 10.43
H4 FUC B . -21.37 -5.20 11.05
H5 FUC B . -19.70 -5.97 12.62
H61 FUC B . -19.82 -2.89 12.52
H62 FUC B . -21.05 -3.96 13.26
H63 FUC B . -19.42 -3.85 13.96
HO2 FUC B . -17.25 -6.68 8.24
HO3 FUC B . -21.01 -6.88 8.64
HO4 FUC B . -21.03 -3.46 9.95
O5 A2G B . -14.05 -9.09 10.05
C1 A2G B . -13.64 -7.95 10.82
C2 A2G B . -12.95 -6.94 9.91
N2 A2G B . -12.60 -5.75 10.67
C3 A2G B . -13.89 -6.57 8.78
O3 A2G B . -13.25 -5.64 7.89
C4 A2G B . -14.30 -7.82 8.00
O4 A2G B . -13.14 -8.40 7.38
C5 A2G B . -14.93 -8.81 8.95
C6 A2G B . -15.27 -10.11 8.24
O6 A2G B . -16.10 -10.90 9.11
C7 A2G B . -11.39 -5.54 11.18
O7 A2G B . -10.45 -6.30 10.96
C8 A2G B . -11.24 -4.30 12.01
H1 A2G B . -12.94 -8.29 11.43
H2 A2G B . -12.14 -7.34 9.55
HN2 A2G B . -13.23 -5.20 10.88
H3 A2G B . -14.69 -6.16 9.15
HO3 A2G B . -13.84 -5.10 7.59
H4 A2G B . -14.94 -7.57 7.31
HO4 A2G B . -13.17 -8.28 6.54
H5 A2G B . -15.75 -8.42 9.31
H61 A2G B . -14.46 -10.60 8.04
H62 A2G B . -15.75 -9.92 7.43
HO6 A2G B . -16.33 -11.62 8.71
#